data_6MWI
#
_entry.id   6MWI
#
_cell.length_a   117.000
_cell.length_b   67.350
_cell.length_c   60.790
_cell.angle_alpha   90.000
_cell.angle_beta   96.450
_cell.angle_gamma   90.000
#
_symmetry.space_group_name_H-M   'C 1 2 1'
#
loop_
_entity.id
_entity.type
_entity.pdbx_description
1 polymer '2-C-methyl-D-erythritol 2,4-cyclodiphosphate synthase'
2 non-polymer 'ZINC ION'
3 non-polymer 'DIMETHYL SULFOXIDE'
4 non-polymer 'ACETATE ION'
5 non-polymer 6-ethoxy-1,3-benzothiazole-2-sulfonamide
6 non-polymer DI(HYDROXYETHYL)ETHER
7 water water
#
_entity_poly.entity_id   1
_entity_poly.type   'polypeptide(L)'
_entity_poly.pdbx_seq_one_letter_code
;GPGSMDFRIGQGYDVHQLVPGRPLIIGGVTIPYERGLLGHSDADVLLHAITDALFGAAALGDIGRHFSDTDPRFKGADSR
ALLRECASRVAQAGFAIRNVDSTIIAQAPKLAPHIDAMRANIAADLDLPLDRVNVKAKTNEKLGYLGRGEGIEAQAAALV
VREAAA
;
_entity_poly.pdbx_strand_id   A,B,C
#
# COMPACT_ATOMS: atom_id res chain seq x y z
N MET A 5 -22.53 9.38 -2.54
CA MET A 5 -21.49 9.17 -3.56
C MET A 5 -20.15 9.78 -3.15
N ASP A 6 -20.06 10.32 -1.92
CA ASP A 6 -18.84 11.00 -1.50
C ASP A 6 -17.88 10.00 -0.85
N PHE A 7 -17.34 9.13 -1.69
CA PHE A 7 -16.43 8.10 -1.23
C PHE A 7 -15.03 8.65 -0.99
N ARG A 8 -14.30 8.02 -0.06
CA ARG A 8 -12.91 8.37 0.24
C ARG A 8 -12.13 7.11 0.55
N ILE A 9 -10.85 7.08 0.16
CA ILE A 9 -10.02 5.93 0.49
C ILE A 9 -8.91 6.31 1.44
N GLY A 10 -8.48 5.33 2.22
CA GLY A 10 -7.38 5.51 3.14
C GLY A 10 -6.48 4.29 3.10
N GLN A 11 -5.24 4.49 3.54
CA GLN A 11 -4.27 3.41 3.53
C GLN A 11 -3.46 3.51 4.81
N GLY A 12 -3.02 2.37 5.31
CA GLY A 12 -2.29 2.35 6.57
C GLY A 12 -1.15 1.37 6.53
N TYR A 13 -0.13 1.66 7.33
CA TYR A 13 1.08 0.85 7.45
C TYR A 13 1.48 0.81 8.91
N ASP A 14 1.96 -0.34 9.39
CA ASP A 14 2.59 -0.33 10.71
C ASP A 14 3.57 -1.50 10.80
N VAL A 15 4.54 -1.36 11.71
CA VAL A 15 5.48 -2.43 11.99
C VAL A 15 5.85 -2.33 13.46
N HIS A 16 6.08 -3.50 14.09
CA HIS A 16 6.59 -3.53 15.45
C HIS A 16 7.62 -4.63 15.54
N GLN A 17 8.63 -4.40 16.39
CA GLN A 17 9.62 -5.44 16.71
C GLN A 17 8.97 -6.59 17.44
N LEU A 18 9.50 -7.79 17.18
CA LEU A 18 9.10 -9.00 17.88
CA LEU A 18 9.12 -9.02 17.88
C LEU A 18 10.16 -9.31 18.94
N VAL A 19 9.76 -9.40 20.20
CA VAL A 19 10.72 -9.51 21.30
C VAL A 19 10.22 -10.51 22.35
N PRO A 20 11.14 -11.09 23.11
CA PRO A 20 10.72 -11.94 24.21
C PRO A 20 10.01 -11.14 25.31
N GLY A 21 9.13 -11.82 26.04
CA GLY A 21 8.52 -11.23 27.22
C GLY A 21 7.36 -10.29 26.96
N ARG A 22 6.76 -10.32 25.78
CA ARG A 22 5.61 -9.49 25.45
C ARG A 22 4.50 -10.39 24.93
N PRO A 23 3.24 -10.05 25.23
CA PRO A 23 2.12 -10.76 24.58
C PRO A 23 2.15 -10.51 23.08
N LEU A 24 1.79 -11.54 22.31
CA LEU A 24 1.62 -11.39 20.86
C LEU A 24 0.13 -11.20 20.61
N ILE A 25 -0.27 -9.97 20.30
CA ILE A 25 -1.66 -9.62 20.06
C ILE A 25 -1.73 -9.01 18.67
N ILE A 26 -2.44 -9.67 17.76
CA ILE A 26 -2.61 -9.23 16.40
C ILE A 26 -4.10 -9.36 16.06
N GLY A 27 -4.68 -8.29 15.51
CA GLY A 27 -6.11 -8.30 15.24
C GLY A 27 -6.93 -8.56 16.48
N GLY A 28 -6.43 -8.15 17.65
CA GLY A 28 -7.16 -8.38 18.88
C GLY A 28 -7.01 -9.77 19.46
N VAL A 29 -6.30 -10.66 18.77
CA VAL A 29 -6.20 -12.06 19.18
C VAL A 29 -4.89 -12.27 19.92
N THR A 30 -4.96 -12.82 21.14
CA THR A 30 -3.75 -13.19 21.86
C THR A 30 -3.30 -14.55 21.34
N ILE A 31 -2.17 -14.58 20.67
CA ILE A 31 -1.66 -15.75 19.96
C ILE A 31 -0.56 -16.39 20.81
N PRO A 32 -0.65 -17.70 21.10
CA PRO A 32 0.41 -18.37 21.86
C PRO A 32 1.73 -18.30 21.10
N TYR A 33 2.75 -17.72 21.74
CA TYR A 33 4.04 -17.58 21.09
C TYR A 33 5.05 -17.10 22.11
N GLU A 34 6.31 -17.52 21.93
CA GLU A 34 7.37 -17.17 22.88
C GLU A 34 7.78 -15.71 22.80
N ARG A 35 7.41 -14.99 21.76
CA ARG A 35 7.71 -13.58 21.61
C ARG A 35 6.41 -12.82 21.39
N GLY A 36 6.49 -11.50 21.52
CA GLY A 36 5.35 -10.63 21.29
C GLY A 36 5.81 -9.32 20.70
N LEU A 37 4.84 -8.45 20.36
CA LEU A 37 5.21 -7.21 19.68
C LEU A 37 5.50 -6.13 20.71
N LEU A 38 6.56 -5.37 20.46
CA LEU A 38 7.01 -4.32 21.37
C LEU A 38 6.38 -3.00 20.97
N GLY A 39 5.71 -2.35 21.93
CA GLY A 39 5.18 -1.03 21.67
C GLY A 39 4.73 -0.39 22.97
N HIS A 40 4.29 0.86 22.84
CA HIS A 40 3.79 1.59 23.98
C HIS A 40 2.45 1.02 24.42
N SER A 41 1.54 0.83 23.47
CA SER A 41 0.28 0.15 23.68
C SER A 41 0.50 -1.36 23.67
N ASP A 42 -0.57 -2.14 23.50
CA ASP A 42 -0.37 -3.56 23.29
C ASP A 42 0.31 -3.88 21.95
N ALA A 43 0.58 -2.87 21.12
CA ALA A 43 1.42 -2.99 19.93
C ALA A 43 0.76 -3.85 18.84
N ASP A 44 -0.57 -3.83 18.77
CA ASP A 44 -1.30 -4.64 17.79
C ASP A 44 -1.12 -4.02 16.41
N VAL A 45 -0.14 -4.55 15.66
CA VAL A 45 0.29 -3.92 14.41
C VAL A 45 -0.84 -3.89 13.39
N LEU A 46 -1.68 -4.93 13.37
CA LEU A 46 -2.76 -4.96 12.39
C LEU A 46 -3.81 -3.91 12.72
N LEU A 47 -4.22 -3.84 13.97
CA LEU A 47 -5.24 -2.85 14.30
C LEU A 47 -4.71 -1.42 14.10
N HIS A 48 -3.43 -1.19 14.38
CA HIS A 48 -2.87 0.15 14.17
C HIS A 48 -2.90 0.51 12.69
N ALA A 49 -2.55 -0.45 11.81
CA ALA A 49 -2.58 -0.17 10.38
C ALA A 49 -3.99 0.18 9.93
N ILE A 50 -4.99 -0.56 10.41
CA ILE A 50 -6.36 -0.28 10.02
C ILE A 50 -6.82 1.05 10.59
N THR A 51 -6.43 1.35 11.84
CA THR A 51 -6.72 2.64 12.45
C THR A 51 -6.18 3.79 11.61
N ASP A 52 -4.95 3.65 11.13
CA ASP A 52 -4.38 4.70 10.30
C ASP A 52 -5.13 4.83 8.97
N ALA A 53 -5.54 3.70 8.37
CA ALA A 53 -6.31 3.77 7.13
C ALA A 53 -7.63 4.51 7.34
N LEU A 54 -8.29 4.29 8.47
CA LEU A 54 -9.58 4.93 8.71
C LEU A 54 -9.42 6.42 8.96
N PHE A 55 -8.49 6.79 9.84
CA PHE A 55 -8.20 8.21 10.02
C PHE A 55 -7.79 8.85 8.71
N GLY A 56 -7.05 8.12 7.88
CA GLY A 56 -6.56 8.73 6.64
C GLY A 56 -7.70 8.93 5.65
N ALA A 57 -8.61 7.97 5.55
CA ALA A 57 -9.75 8.11 4.65
C ALA A 57 -10.64 9.30 5.05
N ALA A 58 -10.75 9.57 6.35
CA ALA A 58 -11.56 10.69 6.84
C ALA A 58 -10.79 12.02 6.87
N ALA A 59 -9.53 12.03 6.45
CA ALA A 59 -8.64 13.20 6.53
C ALA A 59 -8.56 13.73 7.96
N LEU A 60 -8.39 12.81 8.90
CA LEU A 60 -8.31 13.17 10.31
C LEU A 60 -6.88 13.04 10.88
N GLY A 61 -5.89 12.92 10.03
CA GLY A 61 -4.52 12.80 10.51
C GLY A 61 -4.13 11.34 10.63
N ASP A 62 -3.60 10.95 11.79
CA ASP A 62 -3.08 9.59 11.92
C ASP A 62 -3.16 9.15 13.37
N ILE A 63 -2.71 7.92 13.60
CA ILE A 63 -2.85 7.33 14.93
C ILE A 63 -2.00 8.08 15.95
N GLY A 64 -0.82 8.56 15.52
CA GLY A 64 0.03 9.32 16.42
C GLY A 64 -0.61 10.62 16.88
N ARG A 65 -1.41 11.24 16.01
CA ARG A 65 -2.12 12.46 16.39
C ARG A 65 -3.18 12.18 17.45
N HIS A 66 -3.90 11.07 17.30
CA HIS A 66 -5.05 10.81 18.17
C HIS A 66 -4.67 10.05 19.42
N PHE A 67 -3.68 9.14 19.34
CA PHE A 67 -3.31 8.24 20.48
C PHE A 67 -1.78 8.15 20.52
N SER A 68 -1.14 9.16 21.13
CA SER A 68 0.30 9.31 21.03
C SER A 68 1.08 8.24 21.82
N ASP A 69 2.21 7.79 21.23
CA ASP A 69 3.17 6.93 21.93
C ASP A 69 3.69 7.57 23.19
N THR A 70 3.63 8.88 23.30
CA THR A 70 4.21 9.57 24.44
C THR A 70 3.24 9.74 25.59
N ASP A 71 1.94 9.55 25.33
CA ASP A 71 0.92 9.77 26.35
C ASP A 71 0.81 8.54 27.25
N PRO A 72 1.05 8.67 28.55
CA PRO A 72 0.94 7.50 29.45
C PRO A 72 -0.47 6.94 29.53
N ARG A 73 -1.47 7.68 29.06
CA ARG A 73 -2.84 7.19 28.98
C ARG A 73 -2.91 5.89 28.19
N PHE A 74 -1.99 5.72 27.25
CA PHE A 74 -2.08 4.64 26.29
C PHE A 74 -1.06 3.55 26.56
N LYS A 75 -0.35 3.60 27.69
CA LYS A 75 0.62 2.56 27.99
C LYS A 75 -0.13 1.25 28.21
N GLY A 76 0.23 0.24 27.41
CA GLY A 76 -0.47 -1.03 27.44
C GLY A 76 -1.89 -1.00 26.91
N ALA A 77 -2.28 0.08 26.24
CA ALA A 77 -3.67 0.21 25.80
C ALA A 77 -4.14 -0.93 24.90
N ASP A 78 -5.39 -1.33 25.10
CA ASP A 78 -6.09 -2.26 24.22
C ASP A 78 -6.31 -1.58 22.88
N SER A 79 -5.64 -2.07 21.83
CA SER A 79 -5.78 -1.44 20.52
C SER A 79 -7.17 -1.63 19.91
N ARG A 80 -7.98 -2.59 20.42
CA ARG A 80 -9.37 -2.63 19.97
C ARG A 80 -10.16 -1.45 20.51
N ALA A 81 -9.88 -1.03 21.74
CA ALA A 81 -10.53 0.17 22.25
C ALA A 81 -10.10 1.40 21.44
N LEU A 82 -8.84 1.46 21.06
CA LEU A 82 -8.38 2.56 20.21
C LEU A 82 -9.07 2.51 18.84
N LEU A 83 -9.20 1.31 18.25
CA LEU A 83 -9.87 1.18 16.97
C LEU A 83 -11.33 1.63 17.07
N ARG A 84 -12.01 1.26 18.17
CA ARG A 84 -13.40 1.69 18.32
C ARG A 84 -13.51 3.19 18.48
N GLU A 85 -12.56 3.83 19.16
CA GLU A 85 -12.64 5.29 19.30
C GLU A 85 -12.32 5.96 17.97
N CYS A 86 -11.36 5.40 17.24
CA CYS A 86 -11.11 5.83 15.87
C CYS A 86 -12.40 5.81 15.06
N ALA A 87 -13.11 4.67 15.11
CA ALA A 87 -14.33 4.53 14.32
C ALA A 87 -15.37 5.52 14.78
N SER A 88 -15.42 5.79 16.09
CA SER A 88 -16.35 6.78 16.61
C SER A 88 -16.03 8.17 16.06
N ARG A 89 -14.75 8.52 15.97
CA ARG A 89 -14.40 9.86 15.47
C ARG A 89 -14.66 9.94 13.97
N VAL A 90 -14.40 8.85 13.25
CA VAL A 90 -14.67 8.83 11.81
C VAL A 90 -16.16 9.02 11.57
N ALA A 91 -16.99 8.35 12.37
CA ALA A 91 -18.44 8.57 12.31
C ALA A 91 -18.79 10.00 12.69
N GLN A 92 -18.17 10.54 13.76
CA GLN A 92 -18.46 11.92 14.15
C GLN A 92 -18.08 12.92 13.06
N ALA A 93 -17.10 12.57 12.22
CA ALA A 93 -16.71 13.43 11.10
C ALA A 93 -17.68 13.33 9.93
N GLY A 94 -18.60 12.38 9.96
CA GLY A 94 -19.65 12.27 8.97
C GLY A 94 -19.53 11.06 8.06
N PHE A 95 -18.63 10.14 8.37
CA PHE A 95 -18.32 9.05 7.45
C PHE A 95 -18.88 7.71 7.93
N ALA A 96 -19.38 6.92 6.98
CA ALA A 96 -19.67 5.51 7.24
C ALA A 96 -18.60 4.66 6.60
N ILE A 97 -18.24 3.54 7.25
CA ILE A 97 -17.20 2.67 6.70
C ILE A 97 -17.87 1.67 5.77
N ARG A 98 -17.31 1.53 4.55
CA ARG A 98 -17.84 0.56 3.61
C ARG A 98 -17.07 -0.76 3.60
N ASN A 99 -15.74 -0.75 3.67
CA ASN A 99 -15.03 -2.02 3.81
C ASN A 99 -13.60 -1.76 4.26
N VAL A 100 -12.97 -2.81 4.79
CA VAL A 100 -11.56 -2.80 5.19
CA VAL A 100 -11.56 -2.77 5.13
C VAL A 100 -10.89 -4.03 4.60
N ASP A 101 -9.68 -3.85 4.07
CA ASP A 101 -8.81 -4.96 3.66
C ASP A 101 -7.44 -4.76 4.31
N SER A 102 -6.71 -5.84 4.50
CA SER A 102 -5.46 -5.73 5.23
C SER A 102 -4.59 -6.94 4.93
N THR A 103 -3.27 -6.78 5.18
CA THR A 103 -2.30 -7.88 5.11
C THR A 103 -1.39 -7.85 6.33
N ILE A 104 -1.11 -9.02 6.90
CA ILE A 104 -0.09 -9.19 7.92
C ILE A 104 1.08 -9.90 7.26
N ILE A 105 2.30 -9.41 7.48
CA ILE A 105 3.48 -10.07 6.92
C ILE A 105 4.37 -10.53 8.09
N ALA A 106 4.59 -11.84 8.20
CA ALA A 106 5.34 -12.38 9.33
C ALA A 106 5.96 -13.71 8.94
N GLN A 107 7.19 -13.94 9.44
CA GLN A 107 7.82 -15.24 9.26
C GLN A 107 7.16 -16.31 10.12
N ALA A 108 6.64 -15.93 11.27
CA ALA A 108 6.13 -16.82 12.29
C ALA A 108 5.39 -15.97 13.33
N PRO A 109 4.48 -16.57 14.10
CA PRO A 109 4.03 -17.95 14.00
C PRO A 109 3.07 -18.09 12.83
N LYS A 110 2.52 -19.29 12.66
CA LYS A 110 1.46 -19.51 11.67
C LYS A 110 0.22 -18.73 12.07
N LEU A 111 -0.29 -17.90 11.16
CA LEU A 111 -1.44 -17.06 11.48
C LEU A 111 -2.74 -17.60 10.93
N ALA A 112 -2.72 -18.55 9.99
CA ALA A 112 -3.97 -19.07 9.43
C ALA A 112 -5.01 -19.49 10.49
N PRO A 113 -4.66 -20.14 11.59
CA PRO A 113 -5.68 -20.55 12.58
C PRO A 113 -6.34 -19.39 13.28
N HIS A 114 -5.83 -18.16 13.13
CA HIS A 114 -6.26 -17.02 13.91
C HIS A 114 -6.93 -15.95 13.07
N ILE A 115 -6.86 -16.07 11.74
CA ILE A 115 -7.29 -15.00 10.85
C ILE A 115 -8.79 -14.75 10.98
N ASP A 116 -9.60 -15.83 11.05
CA ASP A 116 -11.04 -15.62 11.12
C ASP A 116 -11.41 -14.88 12.41
N ALA A 117 -10.73 -15.21 13.51
CA ALA A 117 -10.99 -14.52 14.76
C ALA A 117 -10.61 -13.03 14.68
N MET A 118 -9.52 -12.72 13.96
CA MET A 118 -9.14 -11.32 13.78
C MET A 118 -10.20 -10.58 13.00
N ARG A 119 -10.66 -11.19 11.90
CA ARG A 119 -11.70 -10.56 11.08
CA ARG A 119 -11.69 -10.56 11.09
C ARG A 119 -12.94 -10.28 11.91
N ALA A 120 -13.36 -11.23 12.75
CA ALA A 120 -14.56 -11.03 13.57
C ALA A 120 -14.36 -9.91 14.57
N ASN A 121 -13.16 -9.79 15.13
CA ASN A 121 -12.87 -8.71 16.08
C ASN A 121 -12.96 -7.36 15.40
N ILE A 122 -12.34 -7.24 14.23
CA ILE A 122 -12.34 -5.96 13.52
C ILE A 122 -13.77 -5.60 13.10
N ALA A 123 -14.50 -6.59 12.55
CA ALA A 123 -15.89 -6.35 12.16
C ALA A 123 -16.72 -5.85 13.34
N ALA A 124 -16.58 -6.49 14.52
CA ALA A 124 -17.31 -6.06 15.71
C ALA A 124 -16.95 -4.61 16.08
N ASP A 125 -15.66 -4.29 16.05
CA ASP A 125 -15.20 -2.96 16.49
C ASP A 125 -15.64 -1.88 15.53
N LEU A 126 -15.83 -2.21 14.26
CA LEU A 126 -16.24 -1.24 13.25
C LEU A 126 -17.74 -1.29 12.98
N ASP A 127 -18.50 -2.13 13.71
CA ASP A 127 -19.93 -2.28 13.46
C ASP A 127 -20.17 -2.64 11.98
N LEU A 128 -19.37 -3.58 11.46
CA LEU A 128 -19.49 -4.10 10.11
C LEU A 128 -19.87 -5.58 10.13
N PRO A 129 -20.59 -6.06 9.11
CA PRO A 129 -20.72 -7.51 8.94
C PRO A 129 -19.39 -8.11 8.50
N LEU A 130 -19.23 -9.43 8.73
CA LEU A 130 -17.97 -10.07 8.38
C LEU A 130 -17.62 -9.88 6.91
N ASP A 131 -18.61 -9.79 6.01
CA ASP A 131 -18.35 -9.76 4.58
CA ASP A 131 -18.25 -9.80 4.59
C ASP A 131 -17.82 -8.42 4.08
N ARG A 132 -17.60 -7.46 4.97
CA ARG A 132 -16.99 -6.18 4.61
C ARG A 132 -15.62 -6.01 5.26
N VAL A 133 -15.07 -7.07 5.84
CA VAL A 133 -13.77 -7.01 6.51
C VAL A 133 -12.91 -8.16 6.00
N ASN A 134 -11.64 -7.86 5.69
CA ASN A 134 -10.77 -8.91 5.17
C ASN A 134 -9.38 -8.79 5.76
N VAL A 135 -8.82 -9.92 6.20
CA VAL A 135 -7.47 -10.00 6.77
C VAL A 135 -6.70 -11.04 5.97
N LYS A 136 -5.58 -10.63 5.38
CA LYS A 136 -4.70 -11.50 4.62
C LYS A 136 -3.41 -11.71 5.39
N ALA A 137 -2.79 -12.88 5.21
CA ALA A 137 -1.54 -13.13 5.92
C ALA A 137 -0.57 -13.90 5.04
N LYS A 138 0.70 -13.50 5.10
CA LYS A 138 1.71 -14.11 4.24
CA LYS A 138 1.71 -14.17 4.28
C LYS A 138 3.08 -13.95 4.89
N THR A 139 4.07 -14.65 4.34
CA THR A 139 5.44 -14.44 4.74
C THR A 139 6.08 -13.39 3.85
N ASN A 140 7.29 -12.96 4.20
CA ASN A 140 8.06 -12.12 3.31
C ASN A 140 9.04 -12.91 2.47
N GLU A 141 8.77 -14.20 2.25
CA GLU A 141 9.58 -15.06 1.38
C GLU A 141 11.07 -14.98 1.74
N LYS A 142 11.33 -14.96 3.04
CA LYS A 142 12.65 -15.10 3.63
C LYS A 142 13.50 -13.84 3.51
N LEU A 143 12.95 -12.72 3.04
CA LEU A 143 13.77 -11.53 2.77
C LEU A 143 13.72 -10.52 3.92
N GLY A 144 14.89 -9.93 4.24
CA GLY A 144 14.90 -8.73 5.07
C GLY A 144 14.61 -9.04 6.54
N TYR A 145 14.43 -7.97 7.31
CA TYR A 145 14.17 -8.17 8.74
C TYR A 145 12.88 -8.93 9.00
N LEU A 146 11.89 -8.83 8.09
CA LEU A 146 10.70 -9.67 8.21
C LEU A 146 11.05 -11.13 8.00
N GLY A 147 11.89 -11.42 7.02
CA GLY A 147 12.34 -12.79 6.84
C GLY A 147 13.11 -13.34 8.04
N ARG A 148 13.85 -12.47 8.72
CA ARG A 148 14.61 -12.89 9.90
C ARG A 148 13.77 -12.89 11.16
N GLY A 149 12.48 -12.61 11.02
CA GLY A 149 11.56 -12.62 12.14
C GLY A 149 11.81 -11.57 13.19
N GLU A 150 12.36 -10.42 12.79
CA GLU A 150 12.70 -9.37 13.74
C GLU A 150 11.52 -8.46 14.06
N GLY A 151 10.50 -8.47 13.23
CA GLY A 151 9.28 -7.72 13.48
C GLY A 151 8.19 -8.29 12.62
N ILE A 152 6.99 -7.72 12.76
CA ILE A 152 5.82 -8.08 11.97
C ILE A 152 5.24 -6.80 11.39
N GLU A 153 4.87 -6.84 10.11
CA GLU A 153 4.32 -5.67 9.41
C GLU A 153 2.83 -5.89 9.16
N ALA A 154 2.06 -4.80 9.12
CA ALA A 154 0.69 -4.87 8.62
C ALA A 154 0.43 -3.71 7.67
N GLN A 155 -0.42 -3.99 6.67
CA GLN A 155 -0.90 -3.01 5.69
C GLN A 155 -2.41 -3.00 5.74
N ALA A 156 -3.03 -1.88 5.39
CA ALA A 156 -4.49 -1.81 5.41
C ALA A 156 -4.99 -0.81 4.41
N ALA A 157 -6.21 -1.07 3.93
CA ALA A 157 -6.91 -0.15 3.04
C ALA A 157 -8.32 -0.02 3.57
N ALA A 158 -8.90 1.18 3.45
CA ALA A 158 -10.27 1.36 3.95
C ALA A 158 -11.02 2.25 2.98
N LEU A 159 -12.28 1.90 2.70
CA LEU A 159 -13.18 2.73 1.92
C LEU A 159 -14.27 3.27 2.83
N VAL A 160 -14.48 4.59 2.83
CA VAL A 160 -15.57 5.19 3.59
C VAL A 160 -16.42 6.04 2.65
N VAL A 161 -17.56 6.50 3.15
CA VAL A 161 -18.38 7.43 2.38
C VAL A 161 -18.92 8.49 3.32
N ARG A 162 -18.87 9.75 2.89
CA ARG A 162 -19.44 10.81 3.72
C ARG A 162 -20.93 10.89 3.43
N GLU A 163 -21.72 10.64 4.46
CA GLU A 163 -23.17 10.55 4.32
C GLU A 163 -23.82 11.92 4.30
N SER B 4 -20.91 9.83 -13.03
CA SER B 4 -20.64 10.26 -11.66
C SER B 4 -20.36 9.08 -10.73
N MET B 5 -20.33 7.85 -11.28
CA MET B 5 -20.05 6.65 -10.51
C MET B 5 -18.86 5.85 -11.04
N ASP B 6 -18.08 6.40 -11.97
CA ASP B 6 -16.94 5.67 -12.52
C ASP B 6 -15.70 5.96 -11.68
N PHE B 7 -15.68 5.40 -10.48
CA PHE B 7 -14.55 5.58 -9.57
C PHE B 7 -13.38 4.68 -9.95
N ARG B 8 -12.17 5.14 -9.65
CA ARG B 8 -10.95 4.38 -9.85
C ARG B 8 -10.01 4.62 -8.69
N ILE B 9 -9.21 3.61 -8.34
CA ILE B 9 -8.23 3.81 -7.28
C ILE B 9 -6.82 3.72 -7.84
N GLY B 10 -5.91 4.47 -7.19
CA GLY B 10 -4.51 4.40 -7.52
C GLY B 10 -3.69 4.31 -6.25
N GLN B 11 -2.48 3.75 -6.39
CA GLN B 11 -1.58 3.58 -5.25
C GLN B 11 -0.18 3.96 -5.68
N GLY B 12 0.59 4.50 -4.74
CA GLY B 12 1.92 4.99 -5.07
C GLY B 12 2.91 4.65 -3.96
N TYR B 13 4.15 4.49 -4.37
CA TYR B 13 5.26 4.15 -3.49
C TYR B 13 6.50 4.91 -3.94
N ASP B 14 7.28 5.39 -2.97
CA ASP B 14 8.58 5.93 -3.35
C ASP B 14 9.53 5.80 -2.15
N VAL B 15 10.82 5.80 -2.46
CA VAL B 15 11.85 5.77 -1.41
C VAL B 15 13.05 6.55 -1.94
N HIS B 16 13.74 7.24 -1.03
CA HIS B 16 15.00 7.87 -1.38
C HIS B 16 15.99 7.67 -0.25
N GLN B 17 17.28 7.60 -0.62
CA GLN B 17 18.33 7.54 0.40
C GLN B 17 18.46 8.87 1.11
N LEU B 18 18.77 8.80 2.40
CA LEU B 18 18.90 9.94 3.28
C LEU B 18 20.36 10.01 3.70
N VAL B 19 21.09 11.04 3.27
CA VAL B 19 22.50 11.17 3.61
C VAL B 19 22.85 12.64 3.86
N PRO B 20 23.93 12.90 4.58
CA PRO B 20 24.35 14.28 4.80
C PRO B 20 24.67 14.97 3.48
N GLY B 21 24.43 16.28 3.44
CA GLY B 21 24.87 17.11 2.34
C GLY B 21 23.81 17.56 1.37
N ARG B 22 22.56 17.23 1.58
CA ARG B 22 21.45 17.68 0.76
C ARG B 22 20.33 18.14 1.67
N PRO B 23 19.45 19.01 1.18
CA PRO B 23 18.30 19.42 2.00
C PRO B 23 17.28 18.30 2.10
N LEU B 24 16.50 18.37 3.18
CA LEU B 24 15.40 17.43 3.39
C LEU B 24 14.11 18.15 2.99
N ILE B 25 13.51 17.72 1.88
CA ILE B 25 12.31 18.35 1.35
C ILE B 25 11.25 17.26 1.20
N ILE B 26 10.13 17.39 1.94
CA ILE B 26 9.06 16.40 1.89
C ILE B 26 7.74 17.16 1.81
N GLY B 27 6.90 16.76 0.85
CA GLY B 27 5.63 17.46 0.67
C GLY B 27 5.79 18.94 0.38
N GLY B 28 6.89 19.33 -0.28
CA GLY B 28 7.15 20.73 -0.55
C GLY B 28 7.75 21.53 0.59
N VAL B 29 7.98 20.90 1.75
CA VAL B 29 8.45 21.58 2.95
C VAL B 29 9.92 21.26 3.18
N THR B 30 10.74 22.30 3.34
CA THR B 30 12.16 22.12 3.69
C THR B 30 12.27 21.98 5.20
N ILE B 31 12.81 20.87 5.67
CA ILE B 31 12.83 20.51 7.08
C ILE B 31 14.28 20.49 7.56
N PRO B 32 14.63 21.22 8.62
CA PRO B 32 16.01 21.18 9.12
C PRO B 32 16.36 19.78 9.59
N TYR B 33 17.51 19.30 9.11
CA TYR B 33 17.96 17.96 9.50
C TYR B 33 19.40 17.80 9.06
N GLU B 34 20.14 16.96 9.78
CA GLU B 34 21.54 16.71 9.44
C GLU B 34 21.69 15.97 8.12
N ARG B 35 20.60 15.45 7.55
CA ARG B 35 20.64 14.67 6.32
CA ARG B 35 20.65 14.68 6.31
C ARG B 35 19.52 15.11 5.38
N GLY B 36 19.66 14.77 4.09
CA GLY B 36 18.65 15.09 3.08
C GLY B 36 18.51 13.95 2.10
N LEU B 37 17.49 14.05 1.24
CA LEU B 37 17.18 12.94 0.35
C LEU B 37 17.92 13.07 -0.96
N LEU B 38 18.45 11.96 -1.47
CA LEU B 38 19.20 11.92 -2.73
C LEU B 38 18.30 11.48 -3.87
N GLY B 39 18.40 12.18 -5.00
CA GLY B 39 17.61 11.92 -6.19
C GLY B 39 17.83 13.02 -7.21
N HIS B 40 17.61 12.73 -8.49
CA HIS B 40 17.95 13.70 -9.53
C HIS B 40 17.11 14.96 -9.42
N SER B 41 15.88 14.82 -8.92
CA SER B 41 14.95 15.92 -8.71
C SER B 41 15.32 16.75 -7.48
N ASP B 42 14.32 17.11 -6.68
CA ASP B 42 14.52 17.51 -5.29
C ASP B 42 14.26 16.32 -4.36
N ALA B 43 14.04 15.14 -4.92
CA ALA B 43 13.91 13.90 -4.17
C ALA B 43 12.75 13.94 -3.19
N ASP B 44 11.67 14.63 -3.53
CA ASP B 44 10.53 14.76 -2.63
C ASP B 44 9.67 13.48 -2.65
N VAL B 45 10.02 12.56 -1.76
CA VAL B 45 9.49 11.20 -1.80
C VAL B 45 7.96 11.22 -1.65
N LEU B 46 7.42 12.15 -0.86
CA LEU B 46 5.97 12.17 -0.67
C LEU B 46 5.25 12.60 -1.94
N LEU B 47 5.68 13.71 -2.54
CA LEU B 47 5.03 14.15 -3.77
C LEU B 47 5.17 13.11 -4.87
N HIS B 48 6.33 12.43 -4.94
CA HIS B 48 6.49 11.40 -5.98
C HIS B 48 5.48 10.26 -5.79
N ALA B 49 5.28 9.82 -4.55
CA ALA B 49 4.33 8.73 -4.32
C ALA B 49 2.92 9.16 -4.71
N ILE B 50 2.53 10.37 -4.34
CA ILE B 50 1.18 10.85 -4.66
C ILE B 50 1.02 10.99 -6.17
N THR B 51 2.04 11.52 -6.83
CA THR B 51 2.03 11.61 -8.29
C THR B 51 1.79 10.24 -8.92
N ASP B 52 2.51 9.22 -8.46
CA ASP B 52 2.34 7.88 -9.02
C ASP B 52 0.94 7.33 -8.74
N ALA B 53 0.42 7.56 -7.53
CA ALA B 53 -0.95 7.12 -7.23
C ALA B 53 -1.96 7.78 -8.16
N LEU B 54 -1.76 9.06 -8.49
CA LEU B 54 -2.70 9.73 -9.39
C LEU B 54 -2.61 9.21 -10.81
N PHE B 55 -1.39 9.12 -11.36
CA PHE B 55 -1.24 8.50 -12.67
C PHE B 55 -1.84 7.08 -12.67
N GLY B 56 -1.67 6.34 -11.57
CA GLY B 56 -2.17 4.98 -11.55
C GLY B 56 -3.70 4.91 -11.53
N ALA B 57 -4.33 5.81 -10.77
CA ALA B 57 -5.80 5.83 -10.75
C ALA B 57 -6.36 6.15 -12.12
N ALA B 58 -5.66 6.99 -12.89
CA ALA B 58 -6.10 7.34 -14.23
C ALA B 58 -5.65 6.33 -15.27
N ALA B 59 -4.91 5.30 -14.86
CA ALA B 59 -4.30 4.32 -15.77
C ALA B 59 -3.51 5.01 -16.89
N LEU B 60 -2.68 5.98 -16.47
CA LEU B 60 -1.80 6.70 -17.36
C LEU B 60 -0.33 6.30 -17.22
N GLY B 61 -0.03 5.18 -16.60
CA GLY B 61 1.36 4.76 -16.47
C GLY B 61 1.93 5.24 -15.16
N ASP B 62 3.11 5.87 -15.20
CA ASP B 62 3.74 6.24 -13.94
C ASP B 62 4.61 7.48 -14.13
N ILE B 63 5.24 7.90 -13.03
CA ILE B 63 5.95 9.17 -13.05
C ILE B 63 7.12 9.13 -14.03
N GLY B 64 7.79 7.99 -14.16
CA GLY B 64 8.92 7.89 -15.08
C GLY B 64 8.52 7.96 -16.53
N ARG B 65 7.32 7.47 -16.87
CA ARG B 65 6.83 7.58 -18.23
CA ARG B 65 6.84 7.58 -18.24
C ARG B 65 6.47 9.01 -18.60
N HIS B 66 6.01 9.79 -17.63
CA HIS B 66 5.57 11.14 -17.93
C HIS B 66 6.68 12.18 -17.89
N PHE B 67 7.67 12.01 -17.01
CA PHE B 67 8.72 13.01 -16.86
C PHE B 67 10.08 12.36 -16.99
N SER B 68 10.91 12.87 -17.89
CA SER B 68 12.26 12.37 -18.07
C SER B 68 13.27 13.46 -17.77
N ASP B 69 14.38 13.07 -17.14
CA ASP B 69 15.49 14.00 -16.93
C ASP B 69 15.96 14.60 -18.25
N THR B 70 15.82 13.86 -19.35
CA THR B 70 16.21 14.34 -20.66
C THR B 70 15.26 15.37 -21.25
N ASP B 71 14.06 15.53 -20.68
CA ASP B 71 13.06 16.43 -21.27
C ASP B 71 13.33 17.87 -20.83
N PRO B 72 13.67 18.78 -21.74
CA PRO B 72 13.94 20.16 -21.33
C PRO B 72 12.75 20.88 -20.71
N ARG B 73 11.53 20.40 -20.98
CA ARG B 73 10.35 21.01 -20.36
C ARG B 73 10.40 20.89 -18.84
N PHE B 74 10.95 19.80 -18.31
CA PHE B 74 10.89 19.51 -16.88
C PHE B 74 12.27 19.37 -16.23
N LYS B 75 13.34 19.72 -16.94
CA LYS B 75 14.69 19.45 -16.45
C LYS B 75 14.93 20.09 -15.08
N GLY B 76 14.59 21.38 -14.93
CA GLY B 76 14.76 22.03 -13.64
C GLY B 76 13.52 22.07 -12.76
N ALA B 77 12.55 21.20 -13.02
CA ALA B 77 11.27 21.28 -12.33
C ALA B 77 11.35 20.65 -10.94
N ASP B 78 10.81 21.33 -9.93
CA ASP B 78 10.73 20.66 -8.65
C ASP B 78 9.49 19.77 -8.60
N SER B 79 9.34 19.03 -7.50
CA SER B 79 8.33 17.99 -7.49
C SER B 79 6.92 18.54 -7.36
N ARG B 80 6.76 19.78 -6.89
CA ARG B 80 5.43 20.39 -6.92
C ARG B 80 5.02 20.74 -8.34
N ALA B 81 5.96 21.25 -9.15
CA ALA B 81 5.63 21.49 -10.56
C ALA B 81 5.23 20.18 -11.24
N LEU B 82 5.92 19.08 -10.91
CA LEU B 82 5.57 17.78 -11.47
C LEU B 82 4.20 17.33 -11.01
N LEU B 83 3.87 17.55 -9.74
CA LEU B 83 2.56 17.17 -9.24
C LEU B 83 1.46 17.98 -9.93
N ARG B 84 1.69 19.27 -10.15
CA ARG B 84 0.68 20.07 -10.83
C ARG B 84 0.46 19.61 -12.27
N GLU B 85 1.55 19.23 -12.97
CA GLU B 85 1.39 18.75 -14.33
C GLU B 85 0.70 17.39 -14.35
N CYS B 86 1.05 16.54 -13.39
CA CYS B 86 0.34 15.28 -13.20
C CYS B 86 -1.17 15.53 -13.08
N ALA B 87 -1.55 16.46 -12.21
CA ALA B 87 -2.98 16.71 -12.01
C ALA B 87 -3.63 17.23 -13.28
N SER B 88 -2.91 18.06 -14.05
CA SER B 88 -3.47 18.57 -15.30
C SER B 88 -3.73 17.42 -16.27
N ARG B 89 -2.81 16.45 -16.34
CA ARG B 89 -2.99 15.32 -17.25
C ARG B 89 -4.13 14.41 -16.79
N VAL B 90 -4.23 14.20 -15.47
CA VAL B 90 -5.32 13.41 -14.90
C VAL B 90 -6.66 14.04 -15.25
N ALA B 91 -6.75 15.37 -15.09
CA ALA B 91 -7.99 16.07 -15.46
C ALA B 91 -8.27 15.96 -16.94
N GLN B 92 -7.23 16.09 -17.78
CA GLN B 92 -7.46 16.07 -19.22
C GLN B 92 -7.90 14.69 -19.69
N ALA B 93 -7.49 13.66 -18.97
CA ALA B 93 -7.91 12.29 -19.27
C ALA B 93 -9.34 12.03 -18.82
N GLY B 94 -9.96 12.98 -18.13
CA GLY B 94 -11.35 12.93 -17.78
C GLY B 94 -11.64 12.67 -16.32
N PHE B 95 -10.65 12.74 -15.43
CA PHE B 95 -10.83 12.33 -14.04
C PHE B 95 -10.82 13.53 -13.12
N ALA B 96 -11.72 13.53 -12.15
CA ALA B 96 -11.66 14.45 -11.02
C ALA B 96 -11.13 13.70 -9.82
N ILE B 97 -10.23 14.34 -9.06
CA ILE B 97 -9.67 13.72 -7.87
C ILE B 97 -10.68 13.89 -6.73
N ARG B 98 -10.94 12.81 -6.01
CA ARG B 98 -11.83 12.86 -4.86
C ARG B 98 -11.07 12.90 -3.54
N ASN B 99 -9.98 12.16 -3.38
CA ASN B 99 -9.18 12.36 -2.16
C ASN B 99 -7.82 11.69 -2.32
N VAL B 100 -6.88 12.12 -1.46
CA VAL B 100 -5.54 11.56 -1.40
C VAL B 100 -5.23 11.26 0.05
N ASP B 101 -4.64 10.09 0.30
CA ASP B 101 -4.12 9.78 1.63
C ASP B 101 -2.71 9.24 1.47
N SER B 102 -1.89 9.37 2.51
CA SER B 102 -0.50 9.04 2.36
C SER B 102 0.14 8.79 3.71
N THR B 103 1.32 8.13 3.68
CA THR B 103 2.13 7.90 4.87
C THR B 103 3.59 8.14 4.53
N ILE B 104 4.28 8.89 5.38
CA ILE B 104 5.74 9.01 5.33
C ILE B 104 6.32 8.12 6.42
N ILE B 105 7.30 7.29 6.08
CA ILE B 105 7.98 6.47 7.07
CA ILE B 105 7.99 6.46 7.06
C ILE B 105 9.41 6.97 7.20
N ALA B 106 9.73 7.57 8.36
CA ALA B 106 11.05 8.12 8.62
C ALA B 106 11.37 7.91 10.08
N GLN B 107 12.56 7.42 10.39
CA GLN B 107 12.89 7.25 11.81
C GLN B 107 13.07 8.61 12.47
N ALA B 108 13.48 9.60 11.71
CA ALA B 108 13.76 10.94 12.17
C ALA B 108 13.91 11.83 10.94
N PRO B 109 13.66 13.14 11.06
CA PRO B 109 13.22 13.89 12.25
C PRO B 109 11.74 13.71 12.49
N LYS B 110 11.24 14.37 13.53
CA LYS B 110 9.80 14.35 13.78
C LYS B 110 9.10 15.17 12.71
N LEU B 111 8.13 14.56 12.04
CA LEU B 111 7.46 15.22 10.94
C LEU B 111 6.13 15.84 11.32
N ALA B 112 5.58 15.50 12.49
CA ALA B 112 4.30 16.07 12.88
C ALA B 112 4.22 17.59 12.76
N PRO B 113 5.24 18.38 13.10
CA PRO B 113 5.10 19.85 12.98
C PRO B 113 4.94 20.35 11.56
N HIS B 114 5.20 19.52 10.56
CA HIS B 114 5.23 19.96 9.17
C HIS B 114 4.03 19.46 8.36
N ILE B 115 3.14 18.69 8.98
CA ILE B 115 2.06 18.00 8.27
C ILE B 115 1.08 18.98 7.64
N ASP B 116 0.65 19.99 8.42
CA ASP B 116 -0.31 20.93 7.89
C ASP B 116 0.26 21.67 6.69
N ALA B 117 1.54 22.04 6.76
CA ALA B 117 2.17 22.71 5.62
C ALA B 117 2.19 21.81 4.39
N MET B 118 2.50 20.52 4.58
CA MET B 118 2.52 19.61 3.44
C MET B 118 1.12 19.47 2.85
N ARG B 119 0.12 19.27 3.71
CA ARG B 119 -1.25 19.14 3.23
C ARG B 119 -1.66 20.36 2.45
N ALA B 120 -1.33 21.56 2.97
CA ALA B 120 -1.67 22.78 2.26
C ALA B 120 -1.02 22.86 0.89
N ASN B 121 0.25 22.44 0.78
CA ASN B 121 0.92 22.47 -0.53
C ASN B 121 0.25 21.49 -1.48
N ILE B 122 -0.03 20.28 -1.00
CA ILE B 122 -0.60 19.26 -1.88
C ILE B 122 -2.00 19.67 -2.31
N ALA B 123 -2.81 20.17 -1.37
CA ALA B 123 -4.16 20.58 -1.74
C ALA B 123 -4.14 21.68 -2.77
N ALA B 124 -3.23 22.65 -2.62
CA ALA B 124 -3.14 23.72 -3.61
C ALA B 124 -2.76 23.16 -4.97
N ASP B 125 -1.75 22.28 -5.02
CA ASP B 125 -1.26 21.75 -6.28
C ASP B 125 -2.31 20.88 -6.97
N LEU B 126 -3.18 20.23 -6.20
CA LEU B 126 -4.24 19.40 -6.76
C LEU B 126 -5.57 20.14 -6.90
N ASP B 127 -5.64 21.41 -6.54
CA ASP B 127 -6.90 22.18 -6.50
C ASP B 127 -7.97 21.43 -5.73
N LEU B 128 -7.61 20.95 -4.54
CA LEU B 128 -8.53 20.21 -3.70
C LEU B 128 -8.83 20.97 -2.41
N PRO B 129 -10.03 20.78 -1.85
CA PRO B 129 -10.27 21.22 -0.46
C PRO B 129 -9.31 20.51 0.47
N LEU B 130 -8.89 21.23 1.51
CA LEU B 130 -7.94 20.66 2.46
CA LEU B 130 -7.94 20.66 2.46
C LEU B 130 -8.45 19.35 3.04
N ASP B 131 -9.75 19.23 3.25
CA ASP B 131 -10.26 18.03 3.91
C ASP B 131 -10.36 16.84 2.97
N ARG B 132 -9.78 16.92 1.78
CA ARG B 132 -9.64 15.76 0.90
C ARG B 132 -8.19 15.35 0.74
N VAL B 133 -7.29 15.88 1.56
CA VAL B 133 -5.87 15.57 1.50
C VAL B 133 -5.41 15.22 2.89
N ASN B 134 -4.77 14.06 3.03
CA ASN B 134 -4.27 13.62 4.32
C ASN B 134 -2.85 13.12 4.18
N VAL B 135 -2.02 13.46 5.17
CA VAL B 135 -0.64 12.98 5.25
C VAL B 135 -0.43 12.43 6.65
N LYS B 136 0.11 11.21 6.72
CA LYS B 136 0.38 10.54 7.98
C LYS B 136 1.88 10.33 8.08
N ALA B 137 2.39 10.12 9.30
CA ALA B 137 3.84 9.98 9.45
C ALA B 137 4.13 9.06 10.61
N LYS B 138 5.12 8.19 10.44
CA LYS B 138 5.51 7.32 11.56
C LYS B 138 6.94 6.83 11.36
N THR B 139 7.48 6.21 12.42
CA THR B 139 8.83 5.66 12.35
C THR B 139 8.74 4.24 11.82
N ASN B 140 9.90 3.60 11.63
CA ASN B 140 9.92 2.18 11.31
C ASN B 140 10.39 1.34 12.49
N GLU B 141 10.25 1.85 13.72
CA GLU B 141 10.60 1.10 14.93
C GLU B 141 12.02 0.53 14.87
N LYS B 142 12.93 1.31 14.29
CA LYS B 142 14.36 1.01 14.23
C LYS B 142 14.68 -0.25 13.43
N LEU B 143 13.75 -0.72 12.59
CA LEU B 143 13.96 -1.89 11.76
C LEU B 143 14.38 -1.48 10.35
N GLY B 144 15.39 -2.17 9.83
CA GLY B 144 15.74 -2.03 8.42
C GLY B 144 16.42 -0.71 8.11
N TYR B 145 16.68 -0.51 6.81
CA TYR B 145 17.33 0.74 6.40
C TYR B 145 16.49 1.96 6.78
N LEU B 146 15.16 1.85 6.80
CA LEU B 146 14.37 2.97 7.27
C LEU B 146 14.62 3.22 8.74
N GLY B 147 14.59 2.15 9.54
CA GLY B 147 14.78 2.29 10.97
C GLY B 147 16.16 2.78 11.36
N ARG B 148 17.16 2.55 10.50
CA ARG B 148 18.52 3.03 10.75
C ARG B 148 18.75 4.42 10.19
N GLY B 149 17.70 5.05 9.65
CA GLY B 149 17.83 6.40 9.15
C GLY B 149 18.56 6.52 7.83
N GLU B 150 18.54 5.47 7.00
CA GLU B 150 19.31 5.47 5.74
C GLU B 150 18.45 5.82 4.54
N GLY B 151 17.15 5.92 4.73
CA GLY B 151 16.23 6.35 3.69
C GLY B 151 14.93 6.78 4.31
N ILE B 152 14.05 7.33 3.47
CA ILE B 152 12.69 7.64 3.87
C ILE B 152 11.76 7.13 2.79
N GLU B 153 10.65 6.52 3.19
CA GLU B 153 9.68 5.94 2.28
C GLU B 153 8.40 6.77 2.33
N ALA B 154 7.67 6.81 1.22
CA ALA B 154 6.31 7.35 1.25
C ALA B 154 5.37 6.40 0.51
N GLN B 155 4.15 6.27 1.01
CA GLN B 155 3.07 5.51 0.40
C GLN B 155 1.90 6.47 0.15
N ALA B 156 1.13 6.24 -0.92
CA ALA B 156 0.00 7.11 -1.23
C ALA B 156 -1.14 6.31 -1.84
N ALA B 157 -2.36 6.76 -1.56
CA ALA B 157 -3.55 6.21 -2.18
C ALA B 157 -4.37 7.38 -2.71
N ALA B 158 -4.98 7.21 -3.89
CA ALA B 158 -5.79 8.27 -4.48
C ALA B 158 -7.08 7.69 -5.03
N LEU B 159 -8.19 8.39 -4.79
CA LEU B 159 -9.47 8.03 -5.40
C LEU B 159 -9.86 9.13 -6.37
N VAL B 160 -10.21 8.74 -7.60
CA VAL B 160 -10.66 9.66 -8.63
C VAL B 160 -11.98 9.14 -9.20
N VAL B 161 -12.64 9.98 -10.00
CA VAL B 161 -13.87 9.56 -10.66
C VAL B 161 -13.86 10.14 -12.06
N ARG B 162 -14.25 9.34 -13.05
CA ARG B 162 -14.27 9.79 -14.44
C ARG B 162 -15.56 10.55 -14.67
N GLU B 163 -15.43 11.81 -15.04
CA GLU B 163 -16.58 12.67 -15.24
C GLU B 163 -16.82 12.95 -16.72
N SER C 4 -23.69 -1.26 -8.44
CA SER C 4 -24.13 0.12 -8.60
C SER C 4 -23.32 1.08 -7.72
N MET C 5 -23.56 1.05 -6.41
CA MET C 5 -22.83 1.91 -5.48
C MET C 5 -22.17 1.15 -4.33
N ASP C 6 -22.19 -0.18 -4.33
CA ASP C 6 -21.53 -0.94 -3.26
C ASP C 6 -20.08 -1.23 -3.64
N PHE C 7 -19.27 -0.17 -3.59
CA PHE C 7 -17.86 -0.29 -3.94
C PHE C 7 -17.05 -0.87 -2.78
N ARG C 8 -15.96 -1.57 -3.12
CA ARG C 8 -15.03 -2.12 -2.13
C ARG C 8 -13.60 -1.96 -2.63
N ILE C 9 -12.66 -1.72 -1.70
CA ILE C 9 -11.26 -1.64 -2.09
C ILE C 9 -10.46 -2.82 -1.53
N GLY C 10 -9.44 -3.23 -2.28
CA GLY C 10 -8.54 -4.27 -1.84
C GLY C 10 -7.10 -3.84 -2.08
N GLN C 11 -6.20 -4.42 -1.29
CA GLN C 11 -4.79 -4.08 -1.47
C GLN C 11 -3.97 -5.35 -1.39
N GLY C 12 -2.90 -5.41 -2.18
CA GLY C 12 -2.10 -6.61 -2.25
C GLY C 12 -0.62 -6.27 -2.22
N TYR C 13 0.16 -7.21 -1.70
CA TYR C 13 1.60 -7.08 -1.57
C TYR C 13 2.23 -8.44 -1.81
N ASP C 14 3.35 -8.47 -2.55
CA ASP C 14 4.10 -9.72 -2.59
C ASP C 14 5.57 -9.41 -2.86
N VAL C 15 6.42 -10.38 -2.52
CA VAL C 15 7.84 -10.27 -2.84
C VAL C 15 8.35 -11.68 -3.08
N HIS C 16 9.28 -11.83 -4.02
CA HIS C 16 9.94 -13.10 -4.25
C HIS C 16 11.43 -12.88 -4.43
N GLN C 17 12.20 -13.90 -4.07
CA GLN C 17 13.63 -13.90 -4.27
C GLN C 17 13.99 -14.11 -5.74
N LEU C 18 15.07 -13.43 -6.14
CA LEU C 18 15.68 -13.61 -7.46
C LEU C 18 16.78 -14.67 -7.36
N VAL C 19 16.67 -15.73 -8.17
CA VAL C 19 17.58 -16.88 -8.07
C VAL C 19 18.10 -17.29 -9.44
N PRO C 20 19.29 -17.89 -9.54
CA PRO C 20 19.77 -18.38 -10.83
C PRO C 20 18.94 -19.54 -11.34
N GLY C 21 19.00 -19.76 -12.66
CA GLY C 21 18.42 -20.95 -13.26
C GLY C 21 16.91 -20.96 -13.39
N ARG C 22 16.26 -19.80 -13.34
CA ARG C 22 14.82 -19.74 -13.48
C ARG C 22 14.49 -18.53 -14.35
N PRO C 23 13.43 -18.63 -15.14
CA PRO C 23 13.05 -17.50 -16.01
C PRO C 23 12.45 -16.38 -15.19
N LEU C 24 12.71 -15.15 -15.62
CA LEU C 24 12.10 -13.97 -14.99
C LEU C 24 10.76 -13.71 -15.68
N ILE C 25 9.66 -13.92 -14.96
CA ILE C 25 8.32 -13.74 -15.49
C ILE C 25 7.58 -12.77 -14.58
N ILE C 26 7.23 -11.59 -15.12
CA ILE C 26 6.48 -10.58 -14.37
C ILE C 26 5.31 -10.10 -15.20
N GLY C 27 4.11 -10.08 -14.61
CA GLY C 27 2.96 -9.69 -15.40
C GLY C 27 2.72 -10.60 -16.58
N GLY C 28 3.15 -11.86 -16.48
CA GLY C 28 3.04 -12.78 -17.58
C GLY C 28 4.09 -12.62 -18.67
N VAL C 29 5.00 -11.66 -18.54
CA VAL C 29 6.00 -11.37 -19.56
C VAL C 29 7.31 -12.03 -19.19
N THR C 30 7.88 -12.82 -20.10
CA THR C 30 9.21 -13.39 -19.89
C THR C 30 10.26 -12.36 -20.28
N ILE C 31 11.11 -12.01 -19.33
CA ILE C 31 12.05 -10.90 -19.48
C ILE C 31 13.46 -11.48 -19.48
N PRO C 32 14.28 -11.19 -20.48
CA PRO C 32 15.66 -11.68 -20.46
C PRO C 32 16.38 -11.18 -19.22
N TYR C 33 17.01 -12.12 -18.53
CA TYR C 33 17.68 -11.83 -17.26
C TYR C 33 18.34 -13.10 -16.77
N GLU C 34 19.49 -12.99 -16.12
CA GLU C 34 20.24 -14.17 -15.69
C GLU C 34 19.69 -14.78 -14.40
N ARG C 35 18.68 -14.18 -13.79
CA ARG C 35 18.01 -14.74 -12.63
C ARG C 35 16.51 -14.66 -12.86
N GLY C 36 15.75 -15.44 -12.08
CA GLY C 36 14.30 -15.39 -12.13
C GLY C 36 13.74 -15.51 -10.72
N LEU C 37 12.41 -15.39 -10.62
CA LEU C 37 11.78 -15.36 -9.30
C LEU C 37 11.53 -16.77 -8.78
N LEU C 38 11.76 -16.97 -7.48
CA LEU C 38 11.59 -18.26 -6.80
C LEU C 38 10.20 -18.36 -6.19
N GLY C 39 9.52 -19.47 -6.43
CA GLY C 39 8.25 -19.69 -5.77
C GLY C 39 7.68 -21.02 -6.17
N HIS C 40 6.71 -21.48 -5.38
CA HIS C 40 6.02 -22.74 -5.68
C HIS C 40 5.45 -22.70 -7.09
N SER C 41 4.74 -21.61 -7.41
CA SER C 41 4.23 -21.31 -8.73
CA SER C 41 4.23 -21.40 -8.76
C SER C 41 5.37 -20.91 -9.65
N ASP C 42 5.04 -20.16 -10.73
CA ASP C 42 6.05 -19.48 -11.52
C ASP C 42 6.50 -18.19 -10.86
N ALA C 43 5.92 -17.88 -9.70
CA ALA C 43 6.43 -16.82 -8.84
C ALA C 43 6.30 -15.46 -9.50
N ASP C 44 5.24 -15.28 -10.29
CA ASP C 44 4.96 -13.98 -10.88
C ASP C 44 4.45 -13.01 -9.81
N VAL C 45 5.37 -12.24 -9.25
CA VAL C 45 5.09 -11.45 -8.04
C VAL C 45 4.02 -10.40 -8.31
N LEU C 46 3.99 -9.87 -9.53
CA LEU C 46 3.00 -8.84 -9.86
C LEU C 46 1.60 -9.46 -9.89
N LEU C 47 1.45 -10.62 -10.53
CA LEU C 47 0.13 -11.24 -10.61
C LEU C 47 -0.31 -11.70 -9.23
N HIS C 48 0.63 -12.12 -8.38
CA HIS C 48 0.30 -12.50 -7.02
C HIS C 48 -0.26 -11.31 -6.22
N ALA C 49 0.37 -10.14 -6.35
CA ALA C 49 -0.09 -8.97 -5.61
C ALA C 49 -1.47 -8.56 -6.09
N ILE C 50 -1.70 -8.59 -7.41
CA ILE C 50 -3.01 -8.22 -7.92
C ILE C 50 -4.05 -9.23 -7.47
N THR C 51 -3.70 -10.52 -7.50
CA THR C 51 -4.60 -11.57 -7.04
C THR C 51 -5.01 -11.32 -5.59
N ASP C 52 -4.05 -11.00 -4.72
CA ASP C 52 -4.40 -10.76 -3.32
C ASP C 52 -5.28 -9.51 -3.15
N ALA C 53 -5.01 -8.46 -3.92
CA ALA C 53 -5.85 -7.26 -3.84
C ALA C 53 -7.29 -7.57 -4.24
N LEU C 54 -7.47 -8.39 -5.29
CA LEU C 54 -8.83 -8.77 -5.72
C LEU C 54 -9.52 -9.63 -4.67
N PHE C 55 -8.83 -10.66 -4.16
CA PHE C 55 -9.44 -11.41 -3.06
C PHE C 55 -9.80 -10.49 -1.90
N GLY C 56 -8.93 -9.53 -1.60
CA GLY C 56 -9.18 -8.64 -0.47
C GLY C 56 -10.39 -7.76 -0.70
N ALA C 57 -10.52 -7.22 -1.92
CA ALA C 57 -11.64 -6.31 -2.18
C ALA C 57 -12.97 -7.04 -2.08
N ALA C 58 -13.00 -8.31 -2.46
CA ALA C 58 -14.20 -9.13 -2.37
C ALA C 58 -14.36 -9.79 -1.02
N ALA C 59 -13.43 -9.57 -0.09
CA ALA C 59 -13.48 -10.15 1.26
C ALA C 59 -13.49 -11.68 1.21
N LEU C 60 -12.65 -12.22 0.33
CA LEU C 60 -12.58 -13.67 0.13
C LEU C 60 -11.35 -14.30 0.76
N GLY C 61 -10.62 -13.56 1.58
CA GLY C 61 -9.41 -14.09 2.21
C GLY C 61 -8.17 -13.72 1.40
N ASP C 62 -7.34 -14.73 1.09
CA ASP C 62 -6.06 -14.40 0.47
C ASP C 62 -5.57 -15.54 -0.41
N ILE C 63 -4.47 -15.28 -1.09
CA ILE C 63 -3.99 -16.24 -2.08
C ILE C 63 -3.61 -17.55 -1.40
N GLY C 64 -3.12 -17.48 -0.15
CA GLY C 64 -2.69 -18.68 0.55
C GLY C 64 -3.85 -19.56 0.95
N ARG C 65 -5.03 -18.99 1.16
CA ARG C 65 -6.20 -19.79 1.49
C ARG C 65 -6.87 -20.36 0.25
N HIS C 66 -6.68 -19.75 -0.92
CA HIS C 66 -7.34 -20.22 -2.12
C HIS C 66 -6.51 -21.23 -2.88
N PHE C 67 -5.20 -21.10 -2.84
CA PHE C 67 -4.36 -21.93 -3.68
C PHE C 67 -3.28 -22.60 -2.82
N THR C 70 -1.36 -28.55 -3.23
CA THR C 70 -1.78 -29.95 -3.16
C THR C 70 -3.09 -30.20 -3.93
N ASP C 71 -3.71 -29.13 -4.43
CA ASP C 71 -4.94 -29.23 -5.21
C ASP C 71 -4.62 -29.65 -6.65
N PRO C 72 -5.03 -30.85 -7.08
CA PRO C 72 -4.68 -31.32 -8.44
C PRO C 72 -5.20 -30.43 -9.55
N ARG C 73 -6.14 -29.52 -9.27
CA ARG C 73 -6.53 -28.53 -10.27
C ARG C 73 -5.44 -27.49 -10.49
N PHE C 74 -4.64 -27.20 -9.46
CA PHE C 74 -3.71 -26.08 -9.48
C PHE C 74 -2.25 -26.49 -9.25
N LYS C 75 -1.93 -27.79 -9.27
CA LYS C 75 -0.59 -28.22 -8.92
C LYS C 75 0.47 -27.50 -9.74
N GLY C 76 0.42 -27.64 -11.07
CA GLY C 76 1.38 -27.00 -11.92
C GLY C 76 0.87 -25.75 -12.60
N ALA C 77 -0.11 -25.07 -12.00
CA ALA C 77 -0.73 -23.91 -12.64
C ALA C 77 0.21 -22.70 -12.60
N ASP C 78 0.27 -21.96 -13.71
CA ASP C 78 1.04 -20.72 -13.76
C ASP C 78 0.21 -19.58 -13.20
N SER C 79 0.86 -18.42 -12.99
CA SER C 79 0.20 -17.39 -12.21
C SER C 79 -0.95 -16.73 -12.97
N ARG C 80 -0.97 -16.84 -14.30
CA ARG C 80 -2.09 -16.26 -15.03
C ARG C 80 -3.33 -17.13 -14.88
N ALA C 81 -3.16 -18.46 -14.88
CA ALA C 81 -4.30 -19.33 -14.59
C ALA C 81 -4.85 -19.02 -13.20
N LEU C 82 -3.95 -18.77 -12.25
CA LEU C 82 -4.43 -18.44 -10.90
C LEU C 82 -5.12 -17.09 -10.87
N LEU C 83 -4.59 -16.10 -11.60
CA LEU C 83 -5.28 -14.82 -11.66
C LEU C 83 -6.66 -14.97 -12.28
N ARG C 84 -6.77 -15.77 -13.34
CA ARG C 84 -8.07 -16.02 -13.96
C ARG C 84 -9.02 -16.68 -12.97
N GLU C 85 -8.52 -17.67 -12.23
CA GLU C 85 -9.36 -18.33 -11.23
C GLU C 85 -9.77 -17.37 -10.13
N CYS C 86 -8.82 -16.55 -9.65
CA CYS C 86 -9.17 -15.47 -8.72
C CYS C 86 -10.33 -14.63 -9.24
N ALA C 87 -10.22 -14.17 -10.49
CA ALA C 87 -11.27 -13.32 -11.06
C ALA C 87 -12.59 -14.08 -11.12
N SER C 88 -12.55 -15.38 -11.41
CA SER C 88 -13.76 -16.18 -11.39
C SER C 88 -14.42 -16.17 -10.00
N ARG C 89 -13.60 -16.34 -8.96
CA ARG C 89 -14.12 -16.39 -7.60
C ARG C 89 -14.67 -15.04 -7.17
N VAL C 90 -14.05 -13.95 -7.63
CA VAL C 90 -14.59 -12.62 -7.34
C VAL C 90 -15.96 -12.47 -7.97
N ALA C 91 -16.09 -12.89 -9.25
CA ALA C 91 -17.38 -12.84 -9.92
C ALA C 91 -18.38 -13.74 -9.22
N GLN C 92 -17.94 -14.93 -8.79
CA GLN C 92 -18.83 -15.86 -8.09
C GLN C 92 -19.46 -15.22 -6.87
N ALA C 93 -18.70 -14.36 -6.18
CA ALA C 93 -19.21 -13.72 -4.97
C ALA C 93 -20.07 -12.50 -5.27
N GLY C 94 -20.25 -12.16 -6.55
CA GLY C 94 -21.17 -11.11 -6.94
C GLY C 94 -20.49 -9.77 -7.20
N PHE C 95 -19.18 -9.77 -7.42
CA PHE C 95 -18.44 -8.54 -7.61
C PHE C 95 -18.00 -8.37 -9.05
N ALA C 96 -17.97 -7.12 -9.49
CA ALA C 96 -17.40 -6.74 -10.78
C ALA C 96 -16.16 -5.92 -10.51
N ILE C 97 -15.10 -6.15 -11.29
CA ILE C 97 -13.86 -5.39 -11.12
C ILE C 97 -13.98 -4.06 -11.85
N ARG C 98 -13.65 -2.97 -11.17
CA ARG C 98 -13.67 -1.66 -11.81
C ARG C 98 -12.29 -1.18 -12.24
N ASN C 99 -11.24 -1.38 -11.45
CA ASN C 99 -9.90 -1.06 -11.96
C ASN C 99 -8.86 -1.71 -11.07
N VAL C 100 -7.65 -1.85 -11.62
CA VAL C 100 -6.47 -2.33 -10.89
CA VAL C 100 -6.50 -2.30 -10.86
C VAL C 100 -5.32 -1.38 -11.15
N ASP C 101 -4.55 -1.09 -10.11
CA ASP C 101 -3.31 -0.33 -10.25
C ASP C 101 -2.24 -1.09 -9.48
N SER C 102 -0.98 -0.92 -9.87
CA SER C 102 0.06 -1.73 -9.26
C SER C 102 1.41 -1.04 -9.47
N THR C 103 2.39 -1.47 -8.67
CA THR C 103 3.78 -1.05 -8.80
C THR C 103 4.70 -2.25 -8.66
N ILE C 104 5.69 -2.36 -9.55
CA ILE C 104 6.77 -3.33 -9.42
C ILE C 104 7.99 -2.59 -8.88
N ILE C 105 8.64 -3.13 -7.85
CA ILE C 105 9.88 -2.51 -7.37
C ILE C 105 11.02 -3.48 -7.68
N ALA C 106 11.91 -3.07 -8.59
CA ALA C 106 13.04 -3.91 -8.99
C ALA C 106 14.22 -3.01 -9.33
N GLN C 107 15.40 -3.37 -8.82
CA GLN C 107 16.59 -2.62 -9.16
C GLN C 107 17.04 -2.90 -10.58
N ALA C 108 16.76 -4.11 -11.06
CA ALA C 108 17.11 -4.55 -12.40
C ALA C 108 16.28 -5.79 -12.71
N PRO C 109 16.06 -6.10 -13.98
CA PRO C 109 16.44 -5.35 -15.19
C PRO C 109 15.47 -4.21 -15.48
N LYS C 110 15.66 -3.53 -16.59
CA LYS C 110 14.73 -2.49 -17.01
C LYS C 110 13.38 -3.09 -17.35
N LEU C 111 12.34 -2.60 -16.71
CA LEU C 111 11.01 -3.14 -16.99
C LEU C 111 10.21 -2.27 -17.95
N ALA C 112 10.61 -1.02 -18.19
CA ALA C 112 9.87 -0.12 -19.07
C ALA C 112 9.45 -0.73 -20.40
N PRO C 113 10.30 -1.45 -21.16
CA PRO C 113 9.87 -1.98 -22.46
C PRO C 113 8.78 -3.04 -22.38
N HIS C 114 8.50 -3.56 -21.18
CA HIS C 114 7.64 -4.71 -20.96
C HIS C 114 6.31 -4.35 -20.31
N ILE C 115 6.17 -3.11 -19.84
CA ILE C 115 5.01 -2.71 -19.05
C ILE C 115 3.74 -2.83 -19.87
N ASP C 116 3.77 -2.36 -21.12
CA ASP C 116 2.57 -2.41 -21.94
C ASP C 116 2.08 -3.84 -22.12
N ALA C 117 3.00 -4.79 -22.30
CA ALA C 117 2.61 -6.18 -22.45
C ALA C 117 2.01 -6.73 -21.16
N MET C 118 2.57 -6.35 -20.01
CA MET C 118 2.01 -6.76 -18.72
C MET C 118 0.59 -6.28 -18.57
N ARG C 119 0.35 -5.01 -18.88
CA ARG C 119 -0.99 -4.46 -18.74
C ARG C 119 -1.95 -5.22 -19.66
N ALA C 120 -1.52 -5.51 -20.90
CA ALA C 120 -2.39 -6.23 -21.83
C ALA C 120 -2.70 -7.62 -21.31
N ASN C 121 -1.69 -8.30 -20.75
CA ASN C 121 -1.88 -9.64 -20.17
C ASN C 121 -2.91 -9.59 -19.04
N ILE C 122 -2.73 -8.66 -18.10
CA ILE C 122 -3.63 -8.55 -16.96
C ILE C 122 -5.05 -8.22 -17.41
N ALA C 123 -5.18 -7.27 -18.35
CA ALA C 123 -6.49 -6.89 -18.85
C ALA C 123 -7.20 -8.09 -19.47
N ALA C 124 -6.47 -8.90 -20.25
CA ALA C 124 -7.09 -10.06 -20.85
C ALA C 124 -7.53 -11.06 -19.79
N ASP C 125 -6.69 -11.27 -18.78
CA ASP C 125 -6.99 -12.26 -17.75
C ASP C 125 -8.16 -11.83 -16.87
N LEU C 126 -8.33 -10.52 -16.68
CA LEU C 126 -9.42 -9.99 -15.86
C LEU C 126 -10.64 -9.59 -16.68
N ASP C 127 -10.60 -9.77 -18.00
CA ASP C 127 -11.68 -9.34 -18.89
C ASP C 127 -12.00 -7.85 -18.69
N LEU C 128 -10.96 -7.02 -18.70
CA LEU C 128 -11.07 -5.59 -18.53
C LEU C 128 -10.53 -4.85 -19.74
N PRO C 129 -11.04 -3.66 -20.05
CA PRO C 129 -10.39 -2.82 -21.06
C PRO C 129 -9.07 -2.32 -20.52
N LEU C 130 -8.16 -2.02 -21.44
CA LEU C 130 -6.82 -1.57 -21.03
C LEU C 130 -6.89 -0.34 -20.13
N ASP C 131 -7.88 0.53 -20.31
CA ASP C 131 -7.85 1.79 -19.57
C ASP C 131 -8.31 1.62 -18.13
N ARG C 132 -8.55 0.39 -17.70
CA ARG C 132 -8.86 0.08 -16.31
C ARG C 132 -7.76 -0.73 -15.62
N VAL C 133 -6.61 -0.89 -16.27
CA VAL C 133 -5.48 -1.65 -15.73
C VAL C 133 -4.22 -0.80 -15.83
N ASN C 134 -3.46 -0.71 -14.72
CA ASN C 134 -2.25 0.07 -14.75
C ASN C 134 -1.14 -0.68 -14.04
N VAL C 135 0.07 -0.60 -14.61
CA VAL C 135 1.28 -1.16 -14.02
C VAL C 135 2.35 -0.08 -14.00
N LYS C 136 2.96 0.14 -12.83
CA LYS C 136 4.03 1.10 -12.63
C LYS C 136 5.28 0.35 -12.20
N ALA C 137 6.45 0.96 -12.41
CA ALA C 137 7.69 0.27 -12.09
C ALA C 137 8.75 1.28 -11.69
N LYS C 138 9.51 0.93 -10.65
CA LYS C 138 10.61 1.79 -10.23
CA LYS C 138 10.60 1.79 -10.21
C LYS C 138 11.63 0.94 -9.48
N THR C 139 12.79 1.57 -9.20
CA THR C 139 13.82 0.90 -8.42
C THR C 139 13.59 1.18 -6.94
N ASN C 140 14.44 0.58 -6.09
CA ASN C 140 14.40 0.87 -4.67
C ASN C 140 15.59 1.73 -4.24
N GLU C 141 16.17 2.48 -5.18
CA GLU C 141 17.28 3.43 -4.89
C GLU C 141 18.42 2.73 -4.15
N LYS C 142 18.67 1.48 -4.53
CA LYS C 142 19.76 0.65 -4.00
C LYS C 142 19.67 0.43 -2.49
N LEU C 143 18.48 0.53 -1.91
CA LEU C 143 18.27 0.28 -0.49
C LEU C 143 17.73 -1.12 -0.22
N GLY C 144 18.29 -1.78 0.81
CA GLY C 144 17.74 -3.05 1.29
C GLY C 144 17.91 -4.21 0.31
N TYR C 145 17.22 -5.31 0.60
CA TYR C 145 17.34 -6.49 -0.26
C TYR C 145 16.83 -6.21 -1.68
N LEU C 146 15.81 -5.35 -1.83
CA LEU C 146 15.40 -4.97 -3.19
C LEU C 146 16.53 -4.23 -3.91
N GLY C 147 17.17 -3.30 -3.20
CA GLY C 147 18.22 -2.48 -3.80
C GLY C 147 19.46 -3.27 -4.14
N ARG C 148 19.70 -4.38 -3.44
CA ARG C 148 20.81 -5.28 -3.74
C ARG C 148 20.46 -6.31 -4.81
N GLY C 149 19.23 -6.30 -5.32
CA GLY C 149 18.84 -7.22 -6.37
C GLY C 149 18.55 -8.61 -5.87
N GLU C 150 18.18 -8.74 -4.59
CA GLU C 150 17.91 -10.04 -3.99
C GLU C 150 16.46 -10.48 -4.18
N GLY C 151 15.58 -9.54 -4.53
CA GLY C 151 14.19 -9.88 -4.74
C GLY C 151 13.52 -8.77 -5.53
N ILE C 152 12.26 -9.01 -5.90
CA ILE C 152 11.42 -8.04 -6.58
C ILE C 152 10.10 -8.01 -5.83
N GLU C 153 9.59 -6.82 -5.57
CA GLU C 153 8.34 -6.61 -4.84
C GLU C 153 7.28 -6.15 -5.81
N ALA C 154 6.03 -6.47 -5.52
CA ALA C 154 4.91 -5.82 -6.22
C ALA C 154 3.83 -5.43 -5.22
N GLN C 155 3.18 -4.31 -5.51
CA GLN C 155 2.06 -3.76 -4.76
C GLN C 155 0.87 -3.64 -5.69
N ALA C 156 -0.34 -3.82 -5.17
CA ALA C 156 -1.50 -3.65 -6.03
C ALA C 156 -2.67 -3.08 -5.24
N ALA C 157 -3.54 -2.37 -5.96
CA ALA C 157 -4.79 -1.88 -5.40
C ALA C 157 -5.88 -2.23 -6.39
N ALA C 158 -7.06 -2.63 -5.90
CA ALA C 158 -8.14 -3.00 -6.80
C ALA C 158 -9.44 -2.41 -6.28
N LEU C 159 -10.27 -1.90 -7.19
CA LEU C 159 -11.61 -1.44 -6.86
C LEU C 159 -12.62 -2.38 -7.49
N VAL C 160 -13.59 -2.85 -6.71
CA VAL C 160 -14.67 -3.69 -7.24
C VAL C 160 -16.01 -3.11 -6.80
N VAL C 161 -17.09 -3.61 -7.39
CA VAL C 161 -18.42 -3.21 -6.96
C VAL C 161 -19.31 -4.45 -6.90
N ARG C 162 -20.15 -4.53 -5.88
CA ARG C 162 -21.11 -5.61 -5.77
CA ARG C 162 -21.11 -5.61 -5.77
C ARG C 162 -22.38 -5.21 -6.49
N GLU C 163 -22.70 -5.94 -7.56
CA GLU C 163 -23.87 -5.62 -8.37
C GLU C 163 -25.05 -6.47 -7.94
#